data_3WJK
#
_entry.id   3WJK
#
_cell.length_a   116.946
_cell.length_b   128.390
_cell.length_c   46.385
_cell.angle_alpha   90.00
_cell.angle_beta   90.00
_cell.angle_gamma   90.00
#
_symmetry.space_group_name_H-M   'P 21 21 2'
#
loop_
_entity.id
_entity.type
_entity.pdbx_description
1 polymer 'Octaprenyl diphosphate synthase'
2 water water
#
_entity_poly.entity_id   1
_entity_poly.type   'polypeptide(L)'
_entity_poly.pdbx_seq_one_letter_code
;MAHHHHHHVDDDDKMNLEKINELTAQDMAGVNAAILEQLNSDVQLINQLGYYIVSGGGKRIRPMIAVLAARAVGYEGNAH
VTIAALIEFIHTATLLHDDVVDESDMRRGKATANAAFGNAASVLVGDFIYTRAFQMMTSLGSLKVLEVMSEAVNVIAEGE
VLQLMNVNDPDITEENYMRVIYSKTARLFEAAAQCSGILAGCTPEEEKGLQDYGRYLGTAFQLIDDLLDYNADGEQLGKN
VGDDLNEGKPTLPLLHAMHHGTPEQAQMIRTAIEQGNGRHLLEPVLEAMNACGSLEWTRQRAEEEADKAIAALQVLPDTP
WREALIGLAHIAVQRDR
;
_entity_poly.pdbx_strand_id   A,B
#
# COMPACT_ATOMS: atom_id res chain seq x y z
N MET A 15 -28.29 -15.14 -21.10
CA MET A 15 -27.47 -15.96 -20.17
C MET A 15 -27.53 -15.35 -18.76
N ASN A 16 -27.98 -16.13 -17.78
CA ASN A 16 -28.08 -15.63 -16.43
C ASN A 16 -27.12 -16.31 -15.46
N LEU A 17 -26.89 -15.68 -14.31
CA LEU A 17 -25.96 -16.15 -13.29
C LEU A 17 -25.66 -17.64 -13.26
N GLU A 18 -26.68 -18.48 -13.17
CA GLU A 18 -26.46 -19.91 -13.11
C GLU A 18 -25.61 -20.36 -14.30
N LYS A 19 -25.90 -19.81 -15.48
CA LYS A 19 -25.18 -20.14 -16.71
C LYS A 19 -23.78 -19.54 -16.72
N ILE A 20 -23.70 -18.23 -16.50
CA ILE A 20 -22.43 -17.52 -16.47
C ILE A 20 -21.54 -18.16 -15.41
N ASN A 21 -22.16 -18.85 -14.46
CA ASN A 21 -21.42 -19.48 -13.39
C ASN A 21 -20.64 -20.73 -13.77
N GLU A 22 -21.29 -21.67 -14.45
CA GLU A 22 -20.60 -22.91 -14.84
C GLU A 22 -19.63 -22.67 -15.99
N LEU A 23 -19.94 -21.69 -16.83
CA LEU A 23 -19.07 -21.37 -17.95
C LEU A 23 -17.70 -21.01 -17.41
N THR A 24 -17.68 -20.16 -16.40
CA THR A 24 -16.45 -19.69 -15.78
C THR A 24 -16.14 -20.39 -14.46
N ALA A 25 -16.66 -21.61 -14.29
CA ALA A 25 -16.44 -22.35 -13.05
C ALA A 25 -15.00 -22.79 -12.81
N GLN A 26 -14.38 -23.41 -13.81
CA GLN A 26 -13.02 -23.91 -13.70
C GLN A 26 -11.95 -22.82 -13.50
N ASP A 27 -12.12 -21.68 -14.16
CA ASP A 27 -11.16 -20.59 -14.01
C ASP A 27 -11.30 -19.94 -12.63
N MET A 28 -12.51 -19.51 -12.28
CA MET A 28 -12.73 -18.88 -10.99
C MET A 28 -12.26 -19.78 -9.85
N ALA A 29 -12.21 -21.08 -10.12
CA ALA A 29 -11.74 -22.03 -9.11
C ALA A 29 -10.22 -21.86 -9.02
N GLY A 30 -9.62 -21.51 -10.15
CA GLY A 30 -8.18 -21.30 -10.20
C GLY A 30 -7.88 -19.98 -9.53
N VAL A 31 -8.70 -18.98 -9.83
CA VAL A 31 -8.54 -17.68 -9.24
C VAL A 31 -8.48 -17.88 -7.74
N ASN A 32 -9.38 -18.69 -7.21
CA ASN A 32 -9.43 -18.95 -5.78
C ASN A 32 -8.12 -19.52 -5.25
N ALA A 33 -7.63 -20.57 -5.91
CA ALA A 33 -6.39 -21.20 -5.50
C ALA A 33 -5.21 -20.25 -5.64
N ALA A 34 -5.21 -19.44 -6.70
CA ALA A 34 -4.14 -18.49 -6.96
C ALA A 34 -4.08 -17.45 -5.86
N ILE A 35 -5.23 -17.12 -5.30
CA ILE A 35 -5.29 -16.15 -4.23
C ILE A 35 -4.77 -16.75 -2.94
N LEU A 36 -5.42 -17.82 -2.49
CA LEU A 36 -5.05 -18.47 -1.25
C LEU A 36 -3.61 -18.94 -1.19
N GLU A 37 -3.04 -19.33 -2.33
CA GLU A 37 -1.66 -19.79 -2.28
C GLU A 37 -0.67 -18.65 -2.06
N GLN A 38 -1.09 -17.40 -2.32
CA GLN A 38 -0.20 -16.25 -2.13
C GLN A 38 -0.12 -15.86 -0.65
N LEU A 39 -1.05 -16.38 0.15
CA LEU A 39 -1.07 -16.12 1.58
C LEU A 39 -0.13 -17.17 2.17
N ASN A 40 1.15 -17.04 1.81
CA ASN A 40 2.18 -18.00 2.20
C ASN A 40 3.35 -17.44 3.00
N SER A 41 3.11 -16.43 3.83
CA SER A 41 4.18 -15.82 4.60
C SER A 41 4.62 -16.58 5.85
N ASP A 42 5.91 -16.46 6.19
CA ASP A 42 6.46 -17.09 7.39
C ASP A 42 5.83 -16.39 8.60
N VAL A 43 5.29 -15.19 8.36
CA VAL A 43 4.65 -14.37 9.39
C VAL A 43 3.17 -14.73 9.46
N GLN A 44 2.85 -15.69 10.32
CA GLN A 44 1.49 -16.18 10.42
C GLN A 44 0.36 -15.15 10.48
N LEU A 45 0.54 -14.05 11.19
CA LEU A 45 -0.52 -13.06 11.26
C LEU A 45 -1.01 -12.62 9.89
N ILE A 46 -0.12 -12.60 8.90
CA ILE A 46 -0.52 -12.18 7.56
C ILE A 46 -1.50 -13.18 6.95
N ASN A 47 -1.13 -14.46 7.00
CA ASN A 47 -1.98 -15.49 6.43
C ASN A 47 -3.30 -15.57 7.21
N GLN A 48 -3.21 -15.48 8.54
CA GLN A 48 -4.42 -15.53 9.34
C GLN A 48 -5.43 -14.48 8.88
N LEU A 49 -5.04 -13.21 8.98
CA LEU A 49 -5.91 -12.11 8.62
C LEU A 49 -6.33 -12.20 7.17
N GLY A 50 -5.46 -12.77 6.34
CA GLY A 50 -5.77 -12.92 4.93
C GLY A 50 -6.90 -13.92 4.73
N TYR A 51 -6.79 -15.07 5.38
CA TYR A 51 -7.84 -16.07 5.27
C TYR A 51 -9.17 -15.50 5.78
N TYR A 52 -9.10 -14.78 6.89
CA TYR A 52 -10.29 -14.18 7.49
C TYR A 52 -11.07 -13.28 6.53
N ILE A 53 -10.35 -12.41 5.83
CA ILE A 53 -10.99 -11.47 4.92
C ILE A 53 -11.31 -12.01 3.52
N VAL A 54 -10.57 -13.02 3.04
CA VAL A 54 -10.82 -13.53 1.70
C VAL A 54 -11.81 -14.69 1.61
N SER A 55 -12.12 -15.32 2.74
CA SER A 55 -13.02 -16.46 2.77
C SER A 55 -14.46 -16.14 3.18
N GLY A 56 -14.80 -14.85 3.22
CA GLY A 56 -16.14 -14.46 3.60
C GLY A 56 -17.04 -14.12 2.42
N GLY A 57 -17.11 -15.02 1.44
CA GLY A 57 -17.95 -14.80 0.28
C GLY A 57 -17.36 -13.87 -0.78
N GLY A 58 -17.22 -12.60 -0.41
CA GLY A 58 -16.68 -11.63 -1.34
C GLY A 58 -17.66 -11.20 -2.42
N LYS A 59 -17.50 -11.77 -3.61
CA LYS A 59 -18.35 -11.47 -4.77
C LYS A 59 -17.60 -12.01 -6.00
N ARG A 60 -16.34 -11.56 -6.13
CA ARG A 60 -15.45 -11.97 -7.21
C ARG A 60 -15.89 -11.49 -8.58
N ILE A 61 -16.68 -10.43 -8.60
CA ILE A 61 -17.14 -9.86 -9.86
C ILE A 61 -15.97 -9.23 -10.61
N ARG A 62 -14.99 -8.69 -9.88
CA ARG A 62 -13.82 -8.05 -10.49
C ARG A 62 -12.96 -9.10 -11.17
N PRO A 63 -12.67 -10.20 -10.46
CA PRO A 63 -11.85 -11.22 -11.12
C PRO A 63 -12.65 -11.95 -12.22
N MET A 64 -13.95 -12.13 -12.00
CA MET A 64 -14.80 -12.81 -12.99
C MET A 64 -14.79 -12.02 -14.28
N ILE A 65 -14.74 -10.71 -14.18
CA ILE A 65 -14.68 -9.88 -15.37
C ILE A 65 -13.34 -10.13 -16.05
N ALA A 66 -12.28 -10.18 -15.24
CA ALA A 66 -10.92 -10.41 -15.74
C ALA A 66 -10.86 -11.71 -16.54
N VAL A 67 -11.25 -12.81 -15.89
CA VAL A 67 -11.27 -14.12 -16.53
C VAL A 67 -12.11 -14.13 -17.83
N LEU A 68 -13.29 -13.53 -17.79
CA LEU A 68 -14.16 -13.51 -18.96
C LEU A 68 -13.63 -12.63 -20.09
N ALA A 69 -13.06 -11.48 -19.72
CA ALA A 69 -12.52 -10.58 -20.73
C ALA A 69 -11.41 -11.29 -21.50
N ALA A 70 -10.54 -12.00 -20.81
CA ALA A 70 -9.46 -12.71 -21.46
C ALA A 70 -9.97 -13.75 -22.47
N ARG A 71 -10.83 -14.66 -22.01
CA ARG A 71 -11.40 -15.70 -22.89
C ARG A 71 -12.10 -15.09 -24.08
N ALA A 72 -12.85 -14.02 -23.84
CA ALA A 72 -13.59 -13.36 -24.91
C ALA A 72 -12.71 -12.96 -26.10
N VAL A 73 -11.41 -12.75 -25.86
CA VAL A 73 -10.52 -12.38 -26.95
C VAL A 73 -9.63 -13.55 -27.39
N GLY A 74 -10.12 -14.77 -27.18
CA GLY A 74 -9.41 -15.97 -27.58
C GLY A 74 -8.23 -16.43 -26.75
N TYR A 75 -8.04 -15.88 -25.55
CA TYR A 75 -6.93 -16.30 -24.73
C TYR A 75 -7.18 -17.76 -24.38
N GLU A 76 -6.12 -18.57 -24.36
CA GLU A 76 -6.26 -19.99 -24.04
C GLU A 76 -5.31 -20.42 -22.93
N GLY A 77 -4.56 -19.48 -22.37
CA GLY A 77 -3.61 -19.82 -21.31
C GLY A 77 -4.21 -19.94 -19.92
N ASN A 78 -3.37 -19.77 -18.91
CA ASN A 78 -3.83 -19.85 -17.52
C ASN A 78 -3.26 -18.70 -16.70
N ALA A 79 -2.81 -17.65 -17.38
CA ALA A 79 -2.24 -16.50 -16.69
C ALA A 79 -3.29 -15.46 -16.36
N HIS A 80 -4.43 -15.51 -17.06
CA HIS A 80 -5.49 -14.56 -16.79
C HIS A 80 -6.02 -14.85 -15.39
N VAL A 81 -5.72 -16.04 -14.89
CA VAL A 81 -6.13 -16.42 -13.55
C VAL A 81 -5.26 -15.65 -12.57
N THR A 82 -3.98 -15.52 -12.91
CA THR A 82 -3.06 -14.80 -12.05
C THR A 82 -3.42 -13.33 -11.97
N ILE A 83 -3.93 -12.78 -13.05
CA ILE A 83 -4.29 -11.37 -13.06
C ILE A 83 -5.62 -11.11 -12.33
N ALA A 84 -6.56 -12.06 -12.43
CA ALA A 84 -7.83 -11.91 -11.74
C ALA A 84 -7.53 -12.01 -10.25
N ALA A 85 -6.61 -12.90 -9.91
CA ALA A 85 -6.22 -13.08 -8.51
C ALA A 85 -5.70 -11.77 -7.91
N LEU A 86 -4.69 -11.19 -8.54
CA LEU A 86 -4.11 -9.97 -8.00
C LEU A 86 -5.11 -8.83 -7.96
N ILE A 87 -6.05 -8.82 -8.91
CA ILE A 87 -7.05 -7.75 -8.91
C ILE A 87 -7.93 -7.85 -7.66
N GLU A 88 -8.27 -9.06 -7.26
CA GLU A 88 -9.10 -9.23 -6.08
C GLU A 88 -8.26 -8.84 -4.87
N PHE A 89 -6.95 -9.10 -4.93
CA PHE A 89 -6.06 -8.74 -3.84
C PHE A 89 -6.01 -7.23 -3.68
N ILE A 90 -6.03 -6.51 -4.80
CA ILE A 90 -6.01 -5.06 -4.76
C ILE A 90 -7.29 -4.56 -4.12
N HIS A 91 -8.42 -5.14 -4.54
CA HIS A 91 -9.71 -4.76 -4.00
C HIS A 91 -9.76 -5.11 -2.53
N THR A 92 -9.20 -6.27 -2.19
CA THR A 92 -9.16 -6.71 -0.81
C THR A 92 -8.44 -5.65 0.02
N ALA A 93 -7.27 -5.25 -0.47
CA ALA A 93 -6.49 -4.24 0.21
C ALA A 93 -7.28 -2.97 0.49
N THR A 94 -7.99 -2.44 -0.52
CA THR A 94 -8.76 -1.22 -0.28
C THR A 94 -9.82 -1.46 0.79
N LEU A 95 -10.38 -2.67 0.85
CA LEU A 95 -11.40 -2.96 1.87
C LEU A 95 -10.81 -2.91 3.27
N LEU A 96 -9.64 -3.51 3.43
CA LEU A 96 -8.97 -3.53 4.72
C LEU A 96 -8.68 -2.10 5.15
N HIS A 97 -8.23 -1.27 4.22
CA HIS A 97 -7.94 0.11 4.55
C HIS A 97 -9.20 0.94 4.72
N ASP A 98 -10.21 0.67 3.89
CA ASP A 98 -11.47 1.40 3.97
C ASP A 98 -12.08 1.22 5.35
N ASP A 99 -12.16 -0.03 5.81
CA ASP A 99 -12.73 -0.31 7.11
C ASP A 99 -11.98 0.42 8.22
N VAL A 100 -10.65 0.44 8.16
CA VAL A 100 -9.90 1.16 9.18
C VAL A 100 -10.23 2.65 9.12
N VAL A 101 -10.25 3.21 7.92
CA VAL A 101 -10.57 4.63 7.76
C VAL A 101 -11.97 4.97 8.29
N ASP A 102 -12.97 4.17 7.90
CA ASP A 102 -14.35 4.38 8.30
C ASP A 102 -14.62 3.98 9.75
N GLU A 103 -13.61 3.39 10.39
CA GLU A 103 -13.75 2.91 11.77
C GLU A 103 -14.90 1.90 11.81
N SER A 104 -15.15 1.25 10.68
CA SER A 104 -16.22 0.27 10.57
C SER A 104 -15.97 -0.94 11.46
N ASP A 105 -17.03 -1.48 12.04
CA ASP A 105 -16.94 -2.63 12.92
C ASP A 105 -17.49 -3.91 12.29
N MET A 106 -18.40 -3.77 11.34
CA MET A 106 -19.00 -4.93 10.68
C MET A 106 -18.87 -4.90 9.16
N ARG A 107 -18.87 -6.08 8.56
CA ARG A 107 -18.77 -6.21 7.11
C ARG A 107 -19.27 -7.57 6.65
N ARG A 108 -20.44 -7.59 6.02
CA ARG A 108 -20.99 -8.84 5.49
C ARG A 108 -21.11 -9.93 6.56
N GLY A 109 -21.87 -9.66 7.60
CA GLY A 109 -22.07 -10.66 8.64
C GLY A 109 -21.15 -10.74 9.84
N LYS A 110 -19.83 -10.62 9.62
CA LYS A 110 -18.91 -10.71 10.75
C LYS A 110 -18.08 -9.47 11.01
N ALA A 111 -17.31 -9.51 12.09
CA ALA A 111 -16.46 -8.41 12.47
C ALA A 111 -15.47 -8.11 11.36
N THR A 112 -15.17 -6.84 11.18
CA THR A 112 -14.22 -6.43 10.16
C THR A 112 -12.86 -6.93 10.63
N ALA A 113 -11.90 -7.00 9.72
CA ALA A 113 -10.57 -7.45 10.10
C ALA A 113 -10.00 -6.53 11.18
N ASN A 114 -10.26 -5.22 11.06
CA ASN A 114 -9.73 -4.28 12.06
C ASN A 114 -10.36 -4.47 13.44
N ALA A 115 -11.68 -4.60 13.50
CA ALA A 115 -12.34 -4.80 14.78
C ALA A 115 -11.86 -6.10 15.43
N ALA A 116 -11.46 -7.06 14.61
CA ALA A 116 -11.01 -8.36 15.08
C ALA A 116 -9.51 -8.52 15.32
N PHE A 117 -8.70 -7.87 14.49
CA PHE A 117 -7.24 -7.95 14.61
C PHE A 117 -6.58 -6.64 15.03
N GLY A 118 -7.30 -5.52 14.92
CA GLY A 118 -6.76 -4.22 15.27
C GLY A 118 -6.44 -3.43 14.00
N ASN A 119 -6.40 -2.10 14.10
CA ASN A 119 -6.13 -1.26 12.93
C ASN A 119 -4.78 -1.51 12.26
N ALA A 120 -3.72 -1.48 13.05
CA ALA A 120 -2.38 -1.68 12.53
C ALA A 120 -2.27 -2.96 11.70
N ALA A 121 -2.73 -4.07 12.26
CA ALA A 121 -2.67 -5.33 11.52
C ALA A 121 -3.44 -5.21 10.22
N SER A 122 -4.63 -4.59 10.25
CA SER A 122 -5.40 -4.46 9.02
C SER A 122 -4.68 -3.61 7.98
N VAL A 123 -4.08 -2.50 8.43
CA VAL A 123 -3.37 -1.63 7.51
C VAL A 123 -2.14 -2.31 6.94
N LEU A 124 -1.31 -2.88 7.82
CA LEU A 124 -0.08 -3.53 7.38
C LEU A 124 -0.28 -4.76 6.51
N VAL A 125 -1.20 -5.65 6.89
CA VAL A 125 -1.47 -6.84 6.08
C VAL A 125 -2.01 -6.36 4.75
N GLY A 126 -2.80 -5.30 4.77
CA GLY A 126 -3.31 -4.76 3.53
C GLY A 126 -2.15 -4.31 2.65
N ASP A 127 -1.11 -3.74 3.25
CA ASP A 127 0.06 -3.30 2.48
C ASP A 127 0.76 -4.54 1.92
N PHE A 128 0.86 -5.58 2.74
CA PHE A 128 1.50 -6.82 2.28
C PHE A 128 0.75 -7.30 1.06
N ILE A 129 -0.57 -7.33 1.19
CA ILE A 129 -1.41 -7.81 0.10
C ILE A 129 -1.26 -7.01 -1.18
N TYR A 130 -1.28 -5.69 -1.08
CA TYR A 130 -1.12 -4.90 -2.28
C TYR A 130 0.25 -5.11 -2.90
N THR A 131 1.31 -5.16 -2.08
CA THR A 131 2.63 -5.34 -2.65
C THR A 131 2.77 -6.72 -3.29
N ARG A 132 2.08 -7.72 -2.75
CA ARG A 132 2.17 -9.05 -3.37
C ARG A 132 1.53 -8.99 -4.76
N ALA A 133 0.40 -8.30 -4.86
CA ALA A 133 -0.30 -8.14 -6.14
C ALA A 133 0.62 -7.52 -7.17
N PHE A 134 1.40 -6.54 -6.72
CA PHE A 134 2.33 -5.85 -7.60
C PHE A 134 3.42 -6.80 -8.02
N GLN A 135 3.87 -7.65 -7.10
CA GLN A 135 4.88 -8.65 -7.46
C GLN A 135 4.29 -9.59 -8.49
N MET A 136 3.04 -9.98 -8.27
CA MET A 136 2.36 -10.89 -9.19
C MET A 136 2.29 -10.21 -10.54
N MET A 137 2.04 -8.90 -10.51
CA MET A 137 1.97 -8.12 -11.74
C MET A 137 3.33 -8.08 -12.44
N THR A 138 4.42 -7.97 -11.69
CA THR A 138 5.72 -7.92 -12.36
C THR A 138 6.03 -9.27 -12.95
N SER A 139 5.68 -10.33 -12.22
CA SER A 139 5.92 -11.70 -12.70
C SER A 139 5.29 -11.91 -14.06
N LEU A 140 4.13 -11.28 -14.30
CA LEU A 140 3.45 -11.40 -15.59
C LEU A 140 4.28 -10.74 -16.69
N GLY A 141 5.26 -9.96 -16.28
CA GLY A 141 6.16 -9.31 -17.23
C GLY A 141 5.66 -8.27 -18.22
N SER A 142 4.43 -7.78 -18.07
CA SER A 142 3.96 -6.78 -19.03
C SER A 142 4.02 -5.36 -18.49
N LEU A 143 4.86 -4.54 -19.09
CA LEU A 143 4.97 -3.16 -18.64
C LEU A 143 3.65 -2.41 -18.80
N LYS A 144 2.89 -2.74 -19.83
CA LYS A 144 1.63 -2.03 -20.06
C LYS A 144 0.62 -2.32 -18.95
N VAL A 145 0.55 -3.57 -18.51
CA VAL A 145 -0.36 -3.94 -17.43
C VAL A 145 0.02 -3.17 -16.17
N LEU A 146 1.29 -3.23 -15.79
CA LEU A 146 1.81 -2.52 -14.61
C LEU A 146 1.44 -1.05 -14.71
N GLU A 147 1.64 -0.53 -15.91
CA GLU A 147 1.37 0.84 -16.27
C GLU A 147 -0.09 1.23 -16.04
N VAL A 148 -1.00 0.45 -16.63
CA VAL A 148 -2.43 0.73 -16.49
C VAL A 148 -2.93 0.54 -15.06
N MET A 149 -2.48 -0.53 -14.44
CA MET A 149 -2.89 -0.90 -13.10
C MET A 149 -2.36 0.06 -12.04
N SER A 150 -1.09 0.49 -12.16
CA SER A 150 -0.56 1.39 -11.15
C SER A 150 -1.30 2.72 -11.23
N GLU A 151 -1.57 3.18 -12.44
CA GLU A 151 -2.30 4.44 -12.59
C GLU A 151 -3.67 4.34 -11.92
N ALA A 152 -4.39 3.26 -12.20
CA ALA A 152 -5.71 3.01 -11.63
C ALA A 152 -5.72 3.03 -10.10
N VAL A 153 -4.74 2.38 -9.50
CA VAL A 153 -4.71 2.32 -8.04
C VAL A 153 -4.37 3.67 -7.43
N ASN A 154 -3.51 4.42 -8.10
CA ASN A 154 -3.16 5.71 -7.57
C ASN A 154 -4.35 6.69 -7.71
N VAL A 155 -5.13 6.53 -8.77
CA VAL A 155 -6.30 7.37 -8.99
C VAL A 155 -7.29 7.14 -7.86
N ILE A 156 -7.50 5.87 -7.51
CA ILE A 156 -8.40 5.53 -6.42
C ILE A 156 -7.88 6.16 -5.12
N ALA A 157 -6.59 5.94 -4.84
CA ALA A 157 -5.97 6.48 -3.63
C ALA A 157 -6.11 8.00 -3.58
N GLU A 158 -5.92 8.67 -4.71
CA GLU A 158 -6.02 10.11 -4.73
C GLU A 158 -7.43 10.51 -4.30
N GLY A 159 -8.41 9.92 -4.98
CA GLY A 159 -9.79 10.21 -4.68
C GLY A 159 -10.11 10.08 -3.21
N GLU A 160 -9.53 9.06 -2.55
CA GLU A 160 -9.81 8.85 -1.13
C GLU A 160 -9.23 9.97 -0.29
N VAL A 161 -8.08 10.49 -0.69
CA VAL A 161 -7.48 11.57 0.08
C VAL A 161 -8.33 12.82 -0.08
N LEU A 162 -8.96 12.96 -1.25
CA LEU A 162 -9.80 14.13 -1.52
C LEU A 162 -10.97 14.19 -0.54
N GLN A 163 -11.87 13.20 -0.65
CA GLN A 163 -13.05 13.15 0.20
C GLN A 163 -12.73 12.89 1.66
N LEU A 164 -11.63 13.48 2.11
CA LEU A 164 -11.19 13.37 3.48
C LEU A 164 -10.90 14.80 3.84
N MET A 165 -10.42 15.54 2.84
CA MET A 165 -10.07 16.95 2.99
C MET A 165 -10.91 17.80 2.04
N ILE A 172 -22.21 17.90 -3.43
CA ILE A 172 -23.57 18.37 -3.24
C ILE A 172 -24.21 18.59 -4.61
N THR A 173 -23.55 18.09 -5.64
CA THR A 173 -24.01 18.20 -7.03
C THR A 173 -24.13 16.84 -7.71
N GLU A 174 -24.94 16.78 -8.76
CA GLU A 174 -25.17 15.55 -9.52
C GLU A 174 -24.01 15.17 -10.44
N GLU A 175 -23.24 16.17 -10.87
CA GLU A 175 -22.10 15.94 -11.73
C GLU A 175 -20.90 15.59 -10.84
N ASN A 176 -20.76 16.33 -9.75
CA ASN A 176 -19.68 16.13 -8.79
C ASN A 176 -19.64 14.69 -8.26
N TYR A 177 -20.81 14.16 -7.91
CA TYR A 177 -20.92 12.80 -7.39
C TYR A 177 -20.51 11.74 -8.41
N MET A 178 -20.78 12.01 -9.68
CA MET A 178 -20.44 11.08 -10.76
C MET A 178 -18.94 10.95 -10.99
N ARG A 179 -18.17 11.88 -10.41
CA ARG A 179 -16.72 11.86 -10.55
C ARG A 179 -16.15 10.95 -9.46
N VAL A 180 -16.77 11.02 -8.29
CA VAL A 180 -16.37 10.22 -7.13
C VAL A 180 -16.55 8.72 -7.32
N ILE A 181 -17.72 8.28 -7.78
CA ILE A 181 -17.95 6.85 -7.97
C ILE A 181 -17.01 6.32 -9.05
N TYR A 182 -16.63 7.18 -9.98
CA TYR A 182 -15.73 6.76 -11.04
C TYR A 182 -14.37 6.41 -10.41
N SER A 183 -13.75 7.42 -9.81
CA SER A 183 -12.45 7.25 -9.17
C SER A 183 -12.35 6.06 -8.24
N LYS A 184 -13.31 5.96 -7.33
CA LYS A 184 -13.28 4.88 -6.34
C LYS A 184 -13.78 3.50 -6.74
N THR A 185 -14.67 3.44 -7.72
CA THR A 185 -15.20 2.14 -8.13
C THR A 185 -14.94 1.74 -9.57
N ALA A 186 -15.46 2.53 -10.49
CA ALA A 186 -15.34 2.23 -11.89
C ALA A 186 -13.92 2.00 -12.37
N ARG A 187 -13.00 2.82 -11.89
CA ARG A 187 -11.62 2.70 -12.35
C ARG A 187 -10.97 1.34 -12.20
N LEU A 188 -11.27 0.60 -11.13
CA LEU A 188 -10.65 -0.70 -10.98
C LEU A 188 -11.33 -1.71 -11.90
N PHE A 189 -12.61 -1.49 -12.17
CA PHE A 189 -13.32 -2.38 -13.08
C PHE A 189 -12.67 -2.19 -14.43
N GLU A 190 -12.65 -0.93 -14.87
CA GLU A 190 -12.03 -0.56 -16.13
C GLU A 190 -10.71 -1.32 -16.31
N ALA A 191 -9.75 -1.08 -15.42
CA ALA A 191 -8.46 -1.74 -15.50
C ALA A 191 -8.56 -3.27 -15.52
N ALA A 192 -9.43 -3.82 -14.69
CA ALA A 192 -9.58 -5.27 -14.62
C ALA A 192 -9.79 -5.90 -16.00
N ALA A 193 -10.72 -5.35 -16.77
CA ALA A 193 -11.02 -5.87 -18.09
C ALA A 193 -9.94 -5.50 -19.12
N GLN A 194 -9.43 -4.28 -19.04
CA GLN A 194 -8.40 -3.81 -19.96
C GLN A 194 -7.11 -4.60 -19.83
N CYS A 195 -6.61 -4.73 -18.61
CA CYS A 195 -5.39 -5.47 -18.38
C CYS A 195 -5.55 -6.94 -18.72
N SER A 196 -6.74 -7.48 -18.51
CA SER A 196 -6.95 -8.88 -18.84
C SER A 196 -6.86 -8.99 -20.35
N GLY A 197 -7.31 -7.94 -21.04
CA GLY A 197 -7.23 -7.94 -22.48
C GLY A 197 -5.78 -7.82 -22.92
N ILE A 198 -5.09 -6.82 -22.38
CA ILE A 198 -3.69 -6.59 -22.71
C ILE A 198 -2.84 -7.84 -22.55
N LEU A 199 -3.02 -8.56 -21.46
CA LEU A 199 -2.29 -9.78 -21.19
C LEU A 199 -2.48 -10.81 -22.31
N ALA A 200 -3.70 -10.89 -22.83
CA ALA A 200 -4.01 -11.82 -23.92
C ALA A 200 -3.59 -11.29 -25.29
N GLY A 201 -3.06 -10.08 -25.32
CA GLY A 201 -2.62 -9.49 -26.58
C GLY A 201 -3.74 -9.06 -27.51
N CYS A 202 -4.88 -8.68 -26.95
CA CYS A 202 -6.01 -8.25 -27.76
C CYS A 202 -5.69 -7.10 -28.70
N THR A 203 -6.67 -6.74 -29.52
CA THR A 203 -6.57 -5.68 -30.52
C THR A 203 -6.85 -4.29 -29.94
N PRO A 204 -6.15 -3.26 -30.43
CA PRO A 204 -6.40 -1.92 -29.89
C PRO A 204 -7.89 -1.65 -29.84
N GLU A 205 -8.61 -2.24 -30.78
CA GLU A 205 -10.06 -2.07 -30.85
C GLU A 205 -10.76 -2.87 -29.74
N GLU A 206 -10.30 -4.09 -29.52
CA GLU A 206 -10.88 -4.94 -28.48
C GLU A 206 -10.54 -4.36 -27.11
N GLU A 207 -9.29 -3.93 -26.95
CA GLU A 207 -8.85 -3.36 -25.67
C GLU A 207 -9.74 -2.21 -25.24
N LYS A 208 -10.00 -1.26 -26.14
CA LYS A 208 -10.86 -0.13 -25.81
C LYS A 208 -12.25 -0.63 -25.49
N GLY A 209 -12.60 -1.77 -26.08
CA GLY A 209 -13.91 -2.35 -25.85
C GLY A 209 -14.04 -2.84 -24.42
N LEU A 210 -13.08 -3.63 -23.98
CA LEU A 210 -13.09 -4.15 -22.62
C LEU A 210 -13.00 -2.99 -21.61
N GLN A 211 -12.08 -2.06 -21.85
CA GLN A 211 -11.89 -0.92 -20.98
C GLN A 211 -13.19 -0.15 -20.75
N ASP A 212 -13.90 0.19 -21.82
CA ASP A 212 -15.16 0.90 -21.68
C ASP A 212 -16.15 0.04 -20.94
N TYR A 213 -16.17 -1.25 -21.28
CA TYR A 213 -17.07 -2.17 -20.61
C TYR A 213 -16.85 -1.97 -19.09
N GLY A 214 -15.65 -2.33 -18.62
CA GLY A 214 -15.31 -2.20 -17.21
C GLY A 214 -15.69 -0.87 -16.59
N ARG A 215 -15.38 0.22 -17.27
CA ARG A 215 -15.68 1.55 -16.74
C ARG A 215 -17.19 1.67 -16.55
N TYR A 216 -17.94 1.47 -17.63
CA TYR A 216 -19.39 1.57 -17.56
C TYR A 216 -19.97 0.59 -16.56
N LEU A 217 -19.56 -0.68 -16.66
CA LEU A 217 -20.09 -1.67 -15.74
C LEU A 217 -19.87 -1.23 -14.30
N GLY A 218 -18.62 -0.92 -13.98
CA GLY A 218 -18.29 -0.49 -12.63
C GLY A 218 -19.11 0.71 -12.19
N THR A 219 -19.47 1.56 -13.16
CA THR A 219 -20.25 2.75 -12.85
C THR A 219 -21.67 2.37 -12.48
N ALA A 220 -22.23 1.42 -13.23
CA ALA A 220 -23.58 0.94 -13.00
C ALA A 220 -23.62 0.20 -11.68
N PHE A 221 -22.54 -0.52 -11.41
CA PHE A 221 -22.41 -1.31 -10.20
C PHE A 221 -22.47 -0.46 -8.93
N GLN A 222 -21.83 0.71 -8.96
CA GLN A 222 -21.83 1.61 -7.80
C GLN A 222 -23.19 2.28 -7.62
N LEU A 223 -23.78 2.74 -8.73
CA LEU A 223 -25.09 3.39 -8.68
C LEU A 223 -26.05 2.42 -8.00
N ILE A 224 -26.03 1.16 -8.44
CA ILE A 224 -26.90 0.15 -7.86
C ILE A 224 -26.58 -0.01 -6.38
N ASP A 225 -25.30 -0.09 -6.05
CA ASP A 225 -24.90 -0.25 -4.67
C ASP A 225 -25.45 0.88 -3.79
N ASP A 226 -25.41 2.10 -4.28
CA ASP A 226 -25.91 3.24 -3.52
C ASP A 226 -27.42 3.20 -3.31
N LEU A 227 -28.15 2.68 -4.28
CA LEU A 227 -29.59 2.62 -4.10
C LEU A 227 -29.88 1.53 -3.08
N LEU A 228 -29.12 0.44 -3.17
CA LEU A 228 -29.31 -0.67 -2.25
C LEU A 228 -28.92 -0.31 -0.82
N ASP A 229 -28.21 0.80 -0.65
CA ASP A 229 -27.79 1.21 0.69
C ASP A 229 -28.92 1.79 1.51
N TYR A 230 -30.06 1.99 0.84
CA TYR A 230 -31.23 2.53 1.52
C TYR A 230 -32.24 1.39 1.66
N ASN A 231 -31.88 0.46 2.55
CA ASN A 231 -32.66 -0.74 2.88
C ASN A 231 -32.41 -1.87 1.88
N ALA A 232 -32.62 -1.57 0.60
CA ALA A 232 -32.42 -2.53 -0.48
C ALA A 232 -33.13 -2.03 -1.73
N ASN A 240 -24.68 -4.16 6.18
CA ASN A 240 -24.01 -2.88 5.97
C ASN A 240 -25.04 -1.76 5.77
N VAL A 241 -26.24 -2.15 5.32
CA VAL A 241 -27.37 -1.25 5.07
C VAL A 241 -27.44 0.03 5.93
N GLY A 242 -27.50 1.20 5.29
CA GLY A 242 -27.66 2.45 6.03
C GLY A 242 -26.48 3.36 6.37
N ASP A 243 -25.26 2.96 6.05
CA ASP A 243 -24.09 3.78 6.35
C ASP A 243 -23.98 5.08 5.55
N ASP A 244 -24.42 5.05 4.30
CA ASP A 244 -24.34 6.24 3.46
C ASP A 244 -25.09 7.41 4.09
N LEU A 245 -26.31 7.15 4.55
CA LEU A 245 -27.11 8.20 5.17
C LEU A 245 -26.54 8.58 6.54
N ASN A 246 -26.05 7.58 7.26
CA ASN A 246 -25.47 7.82 8.57
C ASN A 246 -24.33 8.84 8.51
N GLU A 247 -23.53 8.81 7.45
CA GLU A 247 -22.44 9.77 7.36
C GLU A 247 -22.75 10.89 6.37
N GLY A 248 -24.03 11.05 6.06
CA GLY A 248 -24.47 12.08 5.14
C GLY A 248 -23.76 12.08 3.79
N LYS A 249 -23.38 10.91 3.29
CA LYS A 249 -22.70 10.86 2.01
C LYS A 249 -23.62 11.32 0.90
N PRO A 250 -23.14 12.21 0.02
CA PRO A 250 -23.97 12.69 -1.08
C PRO A 250 -24.03 11.69 -2.23
N THR A 251 -24.96 10.74 -2.13
CA THR A 251 -25.13 9.73 -3.16
C THR A 251 -26.30 10.12 -4.07
N LEU A 252 -26.26 9.66 -5.31
CA LEU A 252 -27.30 9.97 -6.29
C LEU A 252 -28.70 9.95 -5.67
N PRO A 253 -29.08 8.85 -5.02
CA PRO A 253 -30.40 8.71 -4.38
C PRO A 253 -30.76 9.89 -3.47
N LEU A 254 -29.87 10.17 -2.52
CA LEU A 254 -30.07 11.24 -1.55
C LEU A 254 -30.21 12.61 -2.20
N LEU A 255 -29.31 12.90 -3.15
CA LEU A 255 -29.33 14.18 -3.86
C LEU A 255 -30.63 14.44 -4.63
N HIS A 256 -31.14 13.41 -5.29
CA HIS A 256 -32.38 13.56 -6.04
C HIS A 256 -33.50 13.99 -5.10
N ALA A 257 -33.64 13.22 -4.01
CA ALA A 257 -34.66 13.47 -3.00
C ALA A 257 -34.59 14.91 -2.51
N MET A 258 -33.39 15.45 -2.42
CA MET A 258 -33.19 16.81 -1.95
C MET A 258 -33.71 17.81 -2.98
N HIS A 259 -33.37 17.57 -4.24
CA HIS A 259 -33.76 18.44 -5.35
C HIS A 259 -35.25 18.49 -5.69
N HIS A 260 -35.94 17.35 -5.55
CA HIS A 260 -37.36 17.32 -5.91
C HIS A 260 -38.37 17.19 -4.77
N GLY A 261 -37.90 16.88 -3.57
CA GLY A 261 -38.81 16.75 -2.44
C GLY A 261 -39.36 18.10 -2.02
N THR A 262 -40.12 18.11 -0.92
CA THR A 262 -40.69 19.35 -0.41
C THR A 262 -39.54 20.12 0.23
N PRO A 263 -39.67 21.45 0.38
CA PRO A 263 -38.57 22.21 0.99
C PRO A 263 -38.18 21.73 2.40
N GLU A 264 -39.15 21.21 3.15
CA GLU A 264 -38.85 20.68 4.48
C GLU A 264 -37.89 19.51 4.32
N GLN A 265 -38.26 18.55 3.48
CA GLN A 265 -37.43 17.39 3.23
C GLN A 265 -36.11 17.82 2.59
N ALA A 266 -36.17 18.85 1.77
CA ALA A 266 -34.99 19.37 1.10
C ALA A 266 -34.03 19.94 2.13
N GLN A 267 -34.56 20.65 3.11
CA GLN A 267 -33.69 21.21 4.13
C GLN A 267 -33.06 20.08 4.96
N MET A 268 -33.89 19.14 5.41
CA MET A 268 -33.41 18.01 6.21
C MET A 268 -32.23 17.31 5.54
N ILE A 269 -32.44 16.86 4.31
CA ILE A 269 -31.38 16.17 3.58
C ILE A 269 -30.14 17.05 3.46
N ARG A 270 -30.32 18.29 3.01
CA ARG A 270 -29.16 19.18 2.86
C ARG A 270 -28.36 19.34 4.15
N THR A 271 -29.03 19.61 5.28
CA THR A 271 -28.30 19.80 6.52
C THR A 271 -27.62 18.50 6.95
N ALA A 272 -28.25 17.37 6.68
CA ALA A 272 -27.66 16.07 7.05
C ALA A 272 -26.32 15.89 6.33
N ILE A 273 -26.27 16.27 5.05
CA ILE A 273 -25.04 16.15 4.28
C ILE A 273 -24.03 17.18 4.78
N GLU A 274 -24.52 18.36 5.17
CA GLU A 274 -23.66 19.42 5.68
C GLU A 274 -23.07 19.00 7.02
N GLN A 275 -23.89 18.30 7.80
CA GLN A 275 -23.48 17.80 9.11
C GLN A 275 -22.63 16.56 8.94
N GLY A 276 -22.68 15.98 7.75
CA GLY A 276 -21.94 14.76 7.49
C GLY A 276 -22.49 13.70 8.42
N ASN A 277 -23.76 13.83 8.78
CA ASN A 277 -24.40 12.90 9.67
C ASN A 277 -25.92 12.96 9.53
N GLY A 278 -26.51 11.84 9.10
CA GLY A 278 -27.95 11.77 8.92
C GLY A 278 -28.54 10.63 9.73
N ARG A 279 -27.81 10.19 10.75
CA ARG A 279 -28.23 9.09 11.61
C ARG A 279 -29.61 9.38 12.24
N HIS A 280 -30.47 8.36 12.25
CA HIS A 280 -31.82 8.42 12.80
C HIS A 280 -32.84 9.04 11.83
N LEU A 281 -32.36 9.58 10.73
CA LEU A 281 -33.21 10.23 9.72
C LEU A 281 -33.68 9.32 8.59
N LEU A 282 -33.52 8.01 8.72
CA LEU A 282 -33.89 7.09 7.64
C LEU A 282 -35.36 7.12 7.19
N GLU A 283 -36.29 7.16 8.13
CA GLU A 283 -37.69 7.16 7.76
C GLU A 283 -38.13 8.38 6.94
N PRO A 284 -37.87 9.59 7.44
CA PRO A 284 -38.29 10.77 6.66
C PRO A 284 -37.55 10.89 5.30
N VAL A 285 -36.29 10.47 5.27
CA VAL A 285 -35.51 10.53 4.03
C VAL A 285 -36.08 9.54 3.01
N LEU A 286 -36.47 8.36 3.50
CA LEU A 286 -37.04 7.33 2.64
C LEU A 286 -38.37 7.85 2.08
N GLU A 287 -39.21 8.37 2.98
CA GLU A 287 -40.50 8.93 2.60
C GLU A 287 -40.24 9.89 1.46
N ALA A 288 -39.32 10.82 1.70
CA ALA A 288 -38.95 11.82 0.70
C ALA A 288 -38.52 11.16 -0.60
N MET A 289 -37.84 10.03 -0.50
CA MET A 289 -37.38 9.33 -1.70
C MET A 289 -38.53 8.69 -2.48
N ASN A 290 -39.45 8.03 -1.77
CA ASN A 290 -40.57 7.36 -2.43
C ASN A 290 -41.58 8.32 -3.04
N ALA A 291 -41.65 9.53 -2.52
CA ALA A 291 -42.56 10.54 -3.05
C ALA A 291 -42.02 11.07 -4.38
N CYS A 292 -40.71 11.28 -4.43
CA CYS A 292 -40.04 11.79 -5.63
C CYS A 292 -39.61 10.64 -6.52
N GLY A 293 -39.65 9.43 -5.99
CA GLY A 293 -39.22 8.28 -6.77
C GLY A 293 -37.73 8.43 -7.06
N SER A 294 -36.95 8.75 -6.03
CA SER A 294 -35.51 8.94 -6.18
C SER A 294 -34.77 7.64 -6.47
N LEU A 295 -35.07 6.60 -5.70
CA LEU A 295 -34.43 5.31 -5.89
C LEU A 295 -34.59 4.76 -7.30
N GLU A 296 -35.82 4.60 -7.76
CA GLU A 296 -36.08 4.07 -9.09
C GLU A 296 -35.33 4.91 -10.12
N TRP A 297 -35.25 6.21 -9.87
CA TRP A 297 -34.57 7.13 -10.76
C TRP A 297 -33.07 6.80 -10.81
N THR A 298 -32.53 6.41 -9.67
CA THR A 298 -31.12 6.03 -9.56
C THR A 298 -30.96 4.78 -10.41
N ARG A 299 -31.94 3.90 -10.28
CA ARG A 299 -31.96 2.64 -11.01
C ARG A 299 -31.99 2.89 -12.51
N GLN A 300 -32.46 4.08 -12.89
CA GLN A 300 -32.53 4.43 -14.30
C GLN A 300 -31.24 4.97 -14.90
N ARG A 301 -30.56 5.89 -14.23
CA ARG A 301 -29.31 6.40 -14.80
C ARG A 301 -28.30 5.27 -14.69
N ALA A 302 -28.65 4.26 -13.91
CA ALA A 302 -27.80 3.09 -13.73
C ALA A 302 -28.01 2.20 -14.94
N GLU A 303 -29.27 2.00 -15.30
CA GLU A 303 -29.61 1.18 -16.45
C GLU A 303 -28.93 1.71 -17.70
N GLU A 304 -28.92 3.03 -17.87
CA GLU A 304 -28.29 3.60 -19.05
C GLU A 304 -26.79 3.37 -19.06
N GLU A 305 -26.20 3.08 -17.90
CA GLU A 305 -24.77 2.82 -17.82
C GLU A 305 -24.48 1.41 -18.32
N ALA A 306 -25.32 0.47 -17.92
CA ALA A 306 -25.16 -0.91 -18.33
C ALA A 306 -25.41 -1.07 -19.83
N ASP A 307 -26.29 -0.24 -20.39
CA ASP A 307 -26.57 -0.33 -21.82
C ASP A 307 -25.40 0.24 -22.62
N LYS A 308 -24.56 1.03 -21.96
CA LYS A 308 -23.37 1.59 -22.58
C LYS A 308 -22.29 0.53 -22.48
N ALA A 309 -22.42 -0.33 -21.48
CA ALA A 309 -21.46 -1.40 -21.25
C ALA A 309 -21.52 -2.47 -22.32
N ILE A 310 -22.71 -3.03 -22.59
CA ILE A 310 -22.81 -4.07 -23.60
C ILE A 310 -22.65 -3.50 -24.99
N ALA A 311 -22.95 -2.21 -25.14
CA ALA A 311 -22.80 -1.55 -26.42
C ALA A 311 -21.32 -1.52 -26.77
N ALA A 312 -20.49 -1.32 -25.75
CA ALA A 312 -19.04 -1.25 -25.91
C ALA A 312 -18.43 -2.61 -26.29
N LEU A 313 -19.15 -3.68 -25.99
CA LEU A 313 -18.69 -5.03 -26.30
C LEU A 313 -19.04 -5.42 -27.73
N GLN A 314 -19.87 -4.61 -28.39
CA GLN A 314 -20.28 -4.88 -29.77
C GLN A 314 -19.05 -5.01 -30.65
N VAL A 315 -17.95 -4.47 -30.16
CA VAL A 315 -16.68 -4.48 -30.85
C VAL A 315 -15.97 -5.83 -30.85
N LEU A 316 -16.29 -6.68 -29.87
CA LEU A 316 -15.66 -8.00 -29.76
C LEU A 316 -16.43 -9.04 -30.55
N PRO A 317 -15.85 -10.24 -30.71
CA PRO A 317 -16.49 -11.33 -31.45
C PRO A 317 -17.59 -12.02 -30.64
N ASP A 318 -18.62 -12.51 -31.32
CA ASP A 318 -19.73 -13.18 -30.67
C ASP A 318 -19.31 -14.54 -30.13
N THR A 319 -19.16 -14.62 -28.82
CA THR A 319 -18.77 -15.86 -28.16
C THR A 319 -19.59 -16.00 -26.88
N PRO A 320 -19.66 -17.22 -26.33
CA PRO A 320 -20.44 -17.32 -25.10
C PRO A 320 -19.81 -16.43 -24.03
N TRP A 321 -18.48 -16.31 -24.07
CA TRP A 321 -17.76 -15.47 -23.11
C TRP A 321 -18.30 -14.05 -23.19
N ARG A 322 -18.54 -13.57 -24.41
CA ARG A 322 -19.07 -12.23 -24.58
C ARG A 322 -20.49 -12.17 -24.02
N GLU A 323 -21.27 -13.20 -24.30
CA GLU A 323 -22.65 -13.29 -23.83
C GLU A 323 -22.70 -13.19 -22.31
N ALA A 324 -21.65 -13.67 -21.64
CA ALA A 324 -21.57 -13.60 -20.18
C ALA A 324 -21.27 -12.18 -19.73
N LEU A 325 -20.32 -11.52 -20.41
CA LEU A 325 -19.98 -10.15 -20.06
C LEU A 325 -21.22 -9.29 -20.18
N ILE A 326 -22.06 -9.61 -21.16
CA ILE A 326 -23.31 -8.88 -21.33
C ILE A 326 -24.23 -9.34 -20.20
N GLY A 327 -24.18 -10.63 -19.91
CA GLY A 327 -25.00 -11.17 -18.84
C GLY A 327 -24.83 -10.35 -17.58
N LEU A 328 -23.61 -10.34 -17.06
CA LEU A 328 -23.30 -9.60 -15.84
C LEU A 328 -23.84 -8.17 -15.87
N ALA A 329 -23.72 -7.50 -17.01
CA ALA A 329 -24.21 -6.14 -17.13
C ALA A 329 -25.69 -6.07 -16.76
N HIS A 330 -26.48 -7.02 -17.28
CA HIS A 330 -27.91 -7.06 -16.98
C HIS A 330 -28.13 -7.45 -15.52
N ILE A 331 -27.39 -8.44 -15.05
CA ILE A 331 -27.49 -8.89 -13.67
C ILE A 331 -27.24 -7.74 -12.70
N ALA A 332 -26.20 -6.96 -12.97
CA ALA A 332 -25.84 -5.83 -12.11
C ALA A 332 -27.05 -4.93 -11.83
N VAL A 333 -27.73 -4.50 -12.88
CA VAL A 333 -28.90 -3.64 -12.75
C VAL A 333 -30.22 -4.42 -12.70
N MET B 15 36.03 11.66 4.32
CA MET B 15 35.16 12.62 3.66
C MET B 15 33.96 12.94 4.55
N ASN B 16 34.00 14.08 5.21
CA ASN B 16 32.93 14.49 6.12
C ASN B 16 31.56 14.70 5.44
N LEU B 17 30.54 14.88 6.27
CA LEU B 17 29.17 15.09 5.80
C LEU B 17 29.02 16.31 4.91
N GLU B 18 29.85 17.33 5.15
CA GLU B 18 29.79 18.55 4.37
C GLU B 18 30.28 18.31 2.94
N LYS B 19 31.42 17.63 2.81
CA LYS B 19 31.94 17.32 1.49
C LYS B 19 30.92 16.47 0.73
N ILE B 20 30.29 15.53 1.45
CA ILE B 20 29.30 14.64 0.85
C ILE B 20 28.08 15.41 0.37
N ASN B 21 27.62 16.36 1.17
CA ASN B 21 26.47 17.17 0.78
C ASN B 21 26.74 17.99 -0.49
N GLU B 22 27.86 18.69 -0.53
CA GLU B 22 28.18 19.50 -1.70
C GLU B 22 28.29 18.63 -2.96
N LEU B 23 28.88 17.46 -2.80
CA LEU B 23 29.05 16.56 -3.92
C LEU B 23 27.71 16.06 -4.47
N THR B 24 26.75 15.85 -3.58
CA THR B 24 25.43 15.34 -3.96
C THR B 24 24.41 16.46 -4.13
N ALA B 25 24.86 17.70 -3.91
CA ALA B 25 24.00 18.87 -4.01
C ALA B 25 23.12 18.91 -5.25
N GLN B 26 23.74 18.87 -6.43
CA GLN B 26 22.98 18.94 -7.67
C GLN B 26 21.98 17.80 -7.82
N ASP B 27 22.44 16.55 -7.66
CA ASP B 27 21.52 15.42 -7.79
C ASP B 27 20.37 15.48 -6.79
N MET B 28 20.66 15.89 -5.54
CA MET B 28 19.61 15.99 -4.53
C MET B 28 18.60 17.06 -4.91
N ALA B 29 19.00 18.03 -5.73
CA ALA B 29 18.05 19.06 -6.15
C ALA B 29 17.15 18.37 -7.17
N GLY B 30 17.73 17.50 -7.98
CA GLY B 30 16.95 16.76 -8.95
C GLY B 30 15.95 15.89 -8.21
N VAL B 31 16.41 15.28 -7.12
CA VAL B 31 15.55 14.41 -6.32
C VAL B 31 14.38 15.23 -5.77
N ASN B 32 14.67 16.41 -5.23
CA ASN B 32 13.63 17.27 -4.69
C ASN B 32 12.64 17.68 -5.75
N ALA B 33 13.13 17.88 -6.97
CA ALA B 33 12.25 18.26 -8.07
C ALA B 33 11.33 17.10 -8.43
N ALA B 34 11.88 15.89 -8.39
CA ALA B 34 11.09 14.69 -8.70
C ALA B 34 9.99 14.56 -7.67
N ILE B 35 10.33 14.81 -6.41
CA ILE B 35 9.40 14.73 -5.31
C ILE B 35 8.27 15.75 -5.43
N LEU B 36 8.61 17.00 -5.77
CA LEU B 36 7.59 18.03 -5.90
C LEU B 36 6.67 17.78 -7.09
N GLU B 37 7.22 17.29 -8.18
CA GLU B 37 6.42 17.02 -9.36
C GLU B 37 5.46 15.85 -9.12
N GLN B 38 5.85 14.91 -8.28
CA GLN B 38 4.99 13.76 -8.00
C GLN B 38 3.95 14.09 -6.94
N LEU B 39 4.32 14.96 -6.00
CA LEU B 39 3.43 15.35 -4.91
C LEU B 39 2.75 16.71 -5.13
N ASN B 40 2.07 16.92 -6.25
CA ASN B 40 1.52 18.25 -6.46
C ASN B 40 0.07 18.68 -6.29
N SER B 41 -0.39 18.55 -5.04
CA SER B 41 -1.69 19.03 -4.64
C SER B 41 -3.06 18.45 -4.83
N ASP B 42 -3.95 19.44 -4.58
CA ASP B 42 -5.40 19.46 -4.57
C ASP B 42 -5.71 19.41 -3.09
N VAL B 43 -5.01 18.50 -2.43
CA VAL B 43 -5.10 18.29 -1.01
C VAL B 43 -3.94 19.02 -0.30
N GLN B 44 -4.23 20.12 0.39
CA GLN B 44 -3.21 20.87 1.12
C GLN B 44 -2.25 19.90 1.79
N LEU B 45 -2.82 18.83 2.31
CA LEU B 45 -2.10 17.78 3.03
C LEU B 45 -0.93 17.21 2.23
N ILE B 46 -1.23 16.74 1.03
CA ILE B 46 -0.22 16.16 0.13
C ILE B 46 0.77 17.21 -0.33
N ASN B 47 0.32 18.44 -0.49
CA ASN B 47 1.18 19.50 -0.96
C ASN B 47 2.17 19.95 0.09
N GLN B 48 1.70 20.19 1.31
CA GLN B 48 2.59 20.62 2.37
C GLN B 48 3.55 19.52 2.77
N LEU B 49 3.25 18.28 2.35
CA LEU B 49 4.11 17.16 2.65
C LEU B 49 5.33 17.20 1.71
N GLY B 50 5.09 17.63 0.48
CA GLY B 50 6.18 17.75 -0.46
C GLY B 50 7.18 18.74 0.07
N TYR B 51 6.67 19.87 0.57
CA TYR B 51 7.53 20.92 1.12
C TYR B 51 8.27 20.41 2.35
N TYR B 52 7.56 19.68 3.21
CA TYR B 52 8.17 19.18 4.43
C TYR B 52 9.30 18.18 4.17
N ILE B 53 9.24 17.50 3.04
CA ILE B 53 10.27 16.54 2.69
C ILE B 53 11.49 17.23 2.08
N VAL B 54 11.26 18.15 1.15
CA VAL B 54 12.38 18.84 0.50
C VAL B 54 12.99 19.93 1.38
N SER B 55 12.18 20.45 2.32
CA SER B 55 12.64 21.49 3.24
C SER B 55 13.27 20.86 4.47
N GLY B 56 13.12 19.55 4.61
CA GLY B 56 13.67 18.87 5.75
C GLY B 56 15.14 19.16 5.92
N GLY B 57 15.57 19.34 7.17
CA GLY B 57 16.97 19.62 7.44
C GLY B 57 17.62 18.33 7.88
N GLY B 58 16.93 17.21 7.64
CA GLY B 58 17.45 15.91 8.02
C GLY B 58 18.55 15.37 7.13
N LYS B 59 19.04 14.18 7.49
CA LYS B 59 20.10 13.53 6.76
C LYS B 59 19.64 13.10 5.36
N ARG B 60 18.49 12.45 5.29
CA ARG B 60 17.97 11.98 4.01
C ARG B 60 19.01 11.04 3.38
N ILE B 61 19.50 10.13 4.21
CA ILE B 61 20.51 9.18 3.79
C ILE B 61 20.03 8.19 2.71
N ARG B 62 18.74 7.85 2.70
CA ARG B 62 18.22 6.90 1.70
C ARG B 62 18.27 7.44 0.26
N PRO B 63 17.70 8.62 0.01
CA PRO B 63 17.78 9.11 -1.37
C PRO B 63 19.23 9.38 -1.79
N MET B 64 20.09 9.76 -0.85
CA MET B 64 21.49 10.03 -1.18
C MET B 64 22.23 8.79 -1.63
N ILE B 65 21.97 7.66 -0.98
CA ILE B 65 22.62 6.41 -1.34
C ILE B 65 22.25 6.06 -2.78
N ALA B 66 21.00 6.29 -3.12
CA ALA B 66 20.51 6.02 -4.46
C ALA B 66 21.26 6.86 -5.49
N VAL B 67 21.44 8.16 -5.22
CA VAL B 67 22.14 8.98 -6.21
C VAL B 67 23.63 8.69 -6.23
N LEU B 68 24.21 8.45 -5.07
CA LEU B 68 25.62 8.15 -5.00
C LEU B 68 25.94 6.83 -5.69
N ALA B 69 25.19 5.77 -5.39
CA ALA B 69 25.42 4.47 -6.01
C ALA B 69 25.43 4.52 -7.54
N ALA B 70 24.52 5.29 -8.13
CA ALA B 70 24.49 5.38 -9.59
C ALA B 70 25.76 6.06 -10.10
N ARG B 71 26.11 7.20 -9.52
CA ARG B 71 27.30 7.93 -9.98
C ARG B 71 28.57 7.11 -9.79
N ALA B 72 28.60 6.29 -8.75
CA ALA B 72 29.76 5.46 -8.43
C ALA B 72 30.04 4.45 -9.54
N VAL B 73 28.99 3.95 -10.18
CA VAL B 73 29.19 2.98 -11.25
C VAL B 73 29.21 3.65 -12.62
N GLY B 74 29.41 4.95 -12.63
CA GLY B 74 29.52 5.69 -13.88
C GLY B 74 28.24 6.13 -14.59
N TYR B 75 27.12 6.19 -13.86
CA TYR B 75 25.86 6.61 -14.48
C TYR B 75 25.97 8.03 -14.97
N GLU B 76 25.45 8.30 -16.15
CA GLU B 76 25.53 9.66 -16.71
C GLU B 76 24.19 10.36 -16.94
N GLY B 77 23.11 9.59 -17.12
CA GLY B 77 21.80 10.19 -17.31
C GLY B 77 21.29 10.75 -16.01
N ASN B 78 19.98 10.71 -15.78
CA ASN B 78 19.48 11.22 -14.52
C ASN B 78 18.19 10.58 -14.06
N ALA B 79 18.03 9.30 -14.39
CA ALA B 79 16.86 8.55 -13.99
C ALA B 79 17.06 8.09 -12.54
N HIS B 80 18.31 8.12 -12.08
CA HIS B 80 18.63 7.71 -10.72
C HIS B 80 17.96 8.63 -9.69
N VAL B 81 17.64 9.84 -10.11
CA VAL B 81 16.97 10.80 -9.24
C VAL B 81 15.54 10.33 -8.99
N THR B 82 14.97 9.64 -9.97
CA THR B 82 13.61 9.13 -9.80
C THR B 82 13.64 7.97 -8.81
N ILE B 83 14.69 7.14 -8.89
CA ILE B 83 14.80 6.06 -7.95
C ILE B 83 14.96 6.60 -6.53
N ALA B 84 15.83 7.60 -6.37
CA ALA B 84 16.02 8.16 -5.04
C ALA B 84 14.69 8.65 -4.50
N ALA B 85 13.92 9.32 -5.35
CA ALA B 85 12.65 9.87 -4.94
C ALA B 85 11.65 8.80 -4.52
N LEU B 86 11.52 7.75 -5.33
CA LEU B 86 10.57 6.69 -5.01
C LEU B 86 10.99 5.95 -3.74
N ILE B 87 12.30 5.89 -3.49
CA ILE B 87 12.82 5.25 -2.27
C ILE B 87 12.44 6.10 -1.06
N GLU B 88 12.54 7.41 -1.19
CA GLU B 88 12.18 8.27 -0.08
C GLU B 88 10.66 8.17 0.17
N PHE B 89 9.89 8.04 -0.92
CA PHE B 89 8.44 7.92 -0.82
C PHE B 89 8.08 6.65 -0.03
N ILE B 90 8.73 5.54 -0.37
CA ILE B 90 8.45 4.28 0.31
C ILE B 90 8.73 4.43 1.78
N HIS B 91 9.84 5.08 2.11
CA HIS B 91 10.20 5.26 3.50
C HIS B 91 9.15 6.13 4.18
N THR B 92 8.75 7.22 3.53
CA THR B 92 7.77 8.12 4.11
C THR B 92 6.41 7.43 4.33
N ALA B 93 6.03 6.55 3.41
CA ALA B 93 4.75 5.82 3.53
C ALA B 93 4.77 4.83 4.68
N THR B 94 5.86 4.09 4.81
CA THR B 94 5.97 3.13 5.90
C THR B 94 5.88 3.87 7.23
N LEU B 95 6.42 5.08 7.27
CA LEU B 95 6.36 5.86 8.50
C LEU B 95 4.91 6.27 8.78
N LEU B 96 4.22 6.76 7.76
CA LEU B 96 2.85 7.17 7.95
C LEU B 96 2.01 6.00 8.42
N HIS B 97 2.26 4.81 7.87
CA HIS B 97 1.47 3.65 8.28
C HIS B 97 1.83 3.18 9.67
N ASP B 98 3.09 3.40 10.05
CA ASP B 98 3.57 3.01 11.36
C ASP B 98 2.94 3.91 12.42
N ASP B 99 2.35 5.02 11.98
CA ASP B 99 1.71 5.95 12.92
C ASP B 99 0.31 5.51 13.32
N VAL B 100 -0.28 4.59 12.56
CA VAL B 100 -1.62 4.12 12.86
C VAL B 100 -1.73 3.54 14.26
N VAL B 101 -2.70 4.04 15.03
CA VAL B 101 -2.92 3.62 16.41
C VAL B 101 -4.04 2.60 16.52
N ASP B 102 -3.84 1.57 17.34
CA ASP B 102 -4.87 0.54 17.52
C ASP B 102 -5.94 1.02 18.49
N GLU B 103 -6.74 0.11 19.02
CA GLU B 103 -7.78 0.52 19.95
C GLU B 103 -7.27 1.37 21.10
N SER B 104 -5.95 1.48 21.23
CA SER B 104 -5.35 2.28 22.31
C SER B 104 -5.61 3.77 22.12
N ASP B 105 -6.86 4.10 21.85
CA ASP B 105 -7.28 5.48 21.64
C ASP B 105 -8.80 5.60 21.81
N PHE B 117 -1.86 13.34 13.06
CA PHE B 117 -2.50 13.33 11.74
C PHE B 117 -3.83 12.59 11.81
N GLY B 118 -3.87 11.53 12.61
CA GLY B 118 -5.06 10.72 12.74
C GLY B 118 -4.84 9.46 11.92
N ASN B 119 -5.55 8.38 12.25
CA ASN B 119 -5.40 7.14 11.51
C ASN B 119 -5.80 7.28 10.05
N ALA B 120 -6.94 7.92 9.80
CA ALA B 120 -7.41 8.08 8.43
C ALA B 120 -6.38 8.78 7.55
N ALA B 121 -5.91 9.94 7.99
CA ALA B 121 -4.94 10.70 7.21
C ALA B 121 -3.68 9.89 6.99
N SER B 122 -3.19 9.25 8.05
CA SER B 122 -1.98 8.46 7.98
C SER B 122 -2.13 7.31 7.00
N VAL B 123 -3.27 6.62 7.09
CA VAL B 123 -3.55 5.51 6.19
C VAL B 123 -3.65 5.99 4.74
N LEU B 124 -4.57 6.91 4.48
CA LEU B 124 -4.80 7.41 3.12
C LEU B 124 -3.63 8.12 2.47
N VAL B 125 -2.94 9.00 3.21
CA VAL B 125 -1.80 9.65 2.60
C VAL B 125 -0.72 8.60 2.37
N GLY B 126 -0.63 7.64 3.30
CA GLY B 126 0.34 6.58 3.16
C GLY B 126 0.10 5.82 1.86
N ASP B 127 -1.17 5.48 1.62
CA ASP B 127 -1.54 4.76 0.40
C ASP B 127 -1.22 5.59 -0.86
N PHE B 128 -1.56 6.87 -0.82
CA PHE B 128 -1.27 7.73 -1.97
C PHE B 128 0.21 7.69 -2.34
N ILE B 129 1.06 7.89 -1.34
CA ILE B 129 2.50 7.89 -1.55
C ILE B 129 3.04 6.54 -2.01
N TYR B 130 2.54 5.45 -1.43
CA TYR B 130 2.99 4.14 -1.87
C TYR B 130 2.68 3.96 -3.35
N THR B 131 1.40 4.09 -3.70
CA THR B 131 0.96 3.90 -5.07
C THR B 131 1.75 4.77 -6.03
N ARG B 132 1.94 6.04 -5.67
CA ARG B 132 2.71 6.94 -6.53
C ARG B 132 4.13 6.40 -6.69
N ALA B 133 4.68 5.84 -5.61
CA ALA B 133 6.01 5.27 -5.69
C ALA B 133 6.00 4.17 -6.75
N PHE B 134 4.96 3.34 -6.73
CA PHE B 134 4.85 2.25 -7.68
C PHE B 134 4.78 2.75 -9.11
N GLN B 135 4.01 3.82 -9.32
CA GLN B 135 3.89 4.38 -10.66
C GLN B 135 5.28 4.80 -11.10
N MET B 136 6.01 5.45 -10.21
CA MET B 136 7.36 5.91 -10.52
C MET B 136 8.28 4.76 -10.94
N MET B 137 8.17 3.66 -10.22
CA MET B 137 8.99 2.48 -10.52
C MET B 137 8.78 2.03 -11.94
N THR B 138 7.52 1.92 -12.34
CA THR B 138 7.18 1.47 -13.66
C THR B 138 7.47 2.52 -14.73
N SER B 139 7.58 3.79 -14.35
CA SER B 139 7.87 4.80 -15.38
C SER B 139 9.30 4.60 -15.89
N LEU B 140 10.14 3.97 -15.09
CA LEU B 140 11.53 3.72 -15.46
C LEU B 140 11.63 2.69 -16.57
N GLY B 141 10.55 1.93 -16.77
CA GLY B 141 10.52 0.92 -17.82
C GLY B 141 11.46 -0.27 -17.70
N SER B 142 11.99 -0.53 -16.51
CA SER B 142 12.89 -1.67 -16.35
C SER B 142 12.28 -2.76 -15.49
N LEU B 143 12.00 -3.89 -16.12
CA LEU B 143 11.40 -5.02 -15.42
C LEU B 143 12.24 -5.51 -14.26
N LYS B 144 13.55 -5.59 -14.47
CA LYS B 144 14.40 -6.05 -13.39
C LYS B 144 14.31 -5.08 -12.20
N VAL B 145 14.30 -3.78 -12.47
CA VAL B 145 14.17 -2.83 -11.36
C VAL B 145 12.84 -3.09 -10.67
N LEU B 146 11.79 -3.33 -11.44
CA LEU B 146 10.47 -3.59 -10.87
C LEU B 146 10.47 -4.86 -10.05
N GLU B 147 11.20 -5.86 -10.52
CA GLU B 147 11.32 -7.12 -9.81
C GLU B 147 11.97 -6.92 -8.44
N VAL B 148 13.08 -6.20 -8.41
CA VAL B 148 13.79 -5.96 -7.17
C VAL B 148 12.96 -5.14 -6.19
N MET B 149 12.43 -4.00 -6.64
CA MET B 149 11.62 -3.17 -5.76
C MET B 149 10.40 -3.96 -5.24
N SER B 150 9.63 -4.52 -6.17
CA SER B 150 8.45 -5.33 -5.85
C SER B 150 8.71 -6.16 -4.63
N GLU B 151 9.75 -6.96 -4.69
CA GLU B 151 10.08 -7.83 -3.58
C GLU B 151 10.45 -7.04 -2.32
N ALA B 152 11.24 -5.98 -2.49
CA ALA B 152 11.67 -5.20 -1.34
C ALA B 152 10.51 -4.63 -0.54
N VAL B 153 9.56 -4.02 -1.22
CA VAL B 153 8.47 -3.41 -0.48
C VAL B 153 7.55 -4.46 0.15
N ASN B 154 7.46 -5.65 -0.45
CA ASN B 154 6.63 -6.70 0.12
C ASN B 154 7.33 -7.17 1.39
N VAL B 155 8.66 -7.27 1.30
CA VAL B 155 9.46 -7.69 2.43
C VAL B 155 9.37 -6.66 3.55
N ILE B 156 9.21 -5.39 3.20
CA ILE B 156 9.11 -4.36 4.24
C ILE B 156 7.76 -4.47 4.95
N ALA B 157 6.70 -4.72 4.18
CA ALA B 157 5.38 -4.86 4.76
C ALA B 157 5.39 -6.10 5.67
N GLU B 158 6.08 -7.15 5.23
CA GLU B 158 6.16 -8.37 6.01
C GLU B 158 6.89 -8.13 7.31
N GLY B 159 7.97 -7.34 7.25
CA GLY B 159 8.72 -7.05 8.46
C GLY B 159 7.94 -6.21 9.45
N GLU B 160 7.10 -5.31 8.95
CA GLU B 160 6.29 -4.45 9.82
C GLU B 160 5.31 -5.34 10.59
N VAL B 161 4.69 -6.27 9.89
CA VAL B 161 3.74 -7.18 10.53
C VAL B 161 4.49 -8.01 11.58
N LEU B 162 5.65 -8.56 11.19
CA LEU B 162 6.43 -9.35 12.13
C LEU B 162 6.73 -8.52 13.37
N GLN B 163 6.99 -7.23 13.16
CA GLN B 163 7.29 -6.35 14.27
C GLN B 163 6.06 -6.15 15.15
N LEU B 164 4.88 -6.13 14.52
CA LEU B 164 3.62 -5.97 15.23
C LEU B 164 3.44 -7.15 16.18
N MET B 165 3.72 -8.34 15.68
CA MET B 165 3.59 -9.58 16.44
C MET B 165 4.56 -9.69 17.61
N ASN B 166 5.71 -9.03 17.50
CA ASN B 166 6.73 -9.08 18.55
C ASN B 166 6.48 -8.16 19.73
N VAL B 167 5.56 -7.22 19.55
CA VAL B 167 5.24 -6.29 20.63
C VAL B 167 4.83 -7.08 21.87
N ASN B 168 5.48 -6.79 22.99
CA ASN B 168 5.17 -7.44 24.26
C ASN B 168 5.60 -8.91 24.33
N ASP B 169 6.40 -9.37 23.37
CA ASP B 169 6.89 -10.75 23.32
C ASP B 169 8.38 -10.78 23.72
N PRO B 170 8.67 -11.17 24.97
CA PRO B 170 10.05 -11.22 25.48
C PRO B 170 10.86 -12.40 24.98
N ASP B 171 10.21 -13.33 24.28
CA ASP B 171 10.89 -14.52 23.81
C ASP B 171 11.36 -14.64 22.38
N ILE B 172 11.32 -13.56 21.60
CA ILE B 172 11.79 -13.72 20.23
C ILE B 172 13.30 -13.96 20.22
N THR B 173 13.72 -14.76 19.25
CA THR B 173 15.13 -15.09 19.05
C THR B 173 15.84 -13.85 18.47
N GLU B 174 17.14 -13.74 18.66
CA GLU B 174 17.84 -12.59 18.09
C GLU B 174 17.85 -12.81 16.58
N GLU B 175 17.48 -14.02 16.17
CA GLU B 175 17.40 -14.38 14.75
C GLU B 175 16.19 -13.66 14.17
N ASN B 176 15.10 -13.70 14.92
CA ASN B 176 13.86 -13.03 14.53
C ASN B 176 14.12 -11.52 14.49
N TYR B 177 14.76 -11.01 15.53
CA TYR B 177 15.06 -9.59 15.62
C TYR B 177 15.85 -9.13 14.40
N MET B 178 16.89 -9.89 14.06
CA MET B 178 17.71 -9.54 12.93
C MET B 178 16.90 -9.58 11.64
N ARG B 179 15.93 -10.49 11.54
CA ARG B 179 15.09 -10.55 10.34
C ARG B 179 14.22 -9.30 10.27
N VAL B 180 13.84 -8.81 11.44
CA VAL B 180 13.01 -7.62 11.55
C VAL B 180 13.76 -6.40 11.05
N ILE B 181 14.96 -6.15 11.58
CA ILE B 181 15.68 -4.97 11.13
C ILE B 181 16.10 -5.07 9.67
N TYR B 182 16.43 -6.27 9.22
CA TYR B 182 16.80 -6.43 7.81
C TYR B 182 15.58 -6.13 6.93
N SER B 183 14.41 -6.60 7.36
CA SER B 183 13.19 -6.42 6.59
C SER B 183 12.62 -5.00 6.52
N LYS B 184 12.49 -4.37 7.69
CA LYS B 184 11.93 -3.04 7.77
C LYS B 184 12.88 -1.90 7.47
N THR B 185 14.18 -2.11 7.65
CA THR B 185 15.13 -1.03 7.38
C THR B 185 16.14 -1.32 6.27
N ALA B 186 16.97 -2.33 6.50
CA ALA B 186 18.01 -2.70 5.56
C ALA B 186 17.54 -2.93 4.14
N ARG B 187 16.52 -3.76 3.97
CA ARG B 187 16.03 -4.08 2.63
C ARG B 187 15.90 -2.87 1.71
N LEU B 188 15.33 -1.77 2.21
CA LEU B 188 15.16 -0.58 1.37
C LEU B 188 16.49 0.01 0.93
N PHE B 189 17.49 -0.05 1.81
CA PHE B 189 18.83 0.47 1.50
C PHE B 189 19.43 -0.36 0.36
N GLU B 190 19.33 -1.68 0.54
CA GLU B 190 19.85 -2.66 -0.41
C GLU B 190 19.23 -2.43 -1.78
N ALA B 191 17.91 -2.30 -1.83
CA ALA B 191 17.23 -2.09 -3.09
C ALA B 191 17.59 -0.73 -3.70
N ALA B 192 17.72 0.28 -2.84
CA ALA B 192 18.05 1.62 -3.33
C ALA B 192 19.38 1.55 -4.06
N ALA B 193 20.39 1.01 -3.39
CA ALA B 193 21.72 0.88 -3.97
C ALA B 193 21.71 0.01 -5.24
N GLN B 194 21.24 -1.24 -5.10
CA GLN B 194 21.20 -2.17 -6.24
C GLN B 194 20.42 -1.69 -7.45
N CYS B 195 19.26 -1.06 -7.25
CA CYS B 195 18.51 -0.60 -8.41
C CYS B 195 19.24 0.50 -9.17
N SER B 196 19.87 1.41 -8.44
CA SER B 196 20.63 2.46 -9.11
C SER B 196 21.68 1.77 -9.95
N GLY B 197 22.28 0.73 -9.40
CA GLY B 197 23.31 0.01 -10.12
C GLY B 197 22.80 -0.62 -11.40
N ILE B 198 21.62 -1.23 -11.33
CA ILE B 198 21.00 -1.87 -12.48
C ILE B 198 20.70 -0.84 -13.56
N LEU B 199 20.16 0.31 -13.16
CA LEU B 199 19.82 1.37 -14.09
C LEU B 199 21.08 1.87 -14.79
N ALA B 200 22.19 1.92 -14.06
CA ALA B 200 23.43 2.38 -14.62
C ALA B 200 24.05 1.27 -15.46
N GLY B 201 23.42 0.11 -15.47
CA GLY B 201 23.94 -1.01 -16.24
C GLY B 201 25.33 -1.39 -15.78
N CYS B 202 25.55 -1.38 -14.49
CA CYS B 202 26.84 -1.76 -13.93
C CYS B 202 27.04 -3.25 -14.15
N THR B 203 28.19 -3.78 -13.76
CA THR B 203 28.47 -5.20 -13.93
C THR B 203 27.91 -6.02 -12.79
N PRO B 204 27.63 -7.30 -13.04
CA PRO B 204 27.09 -8.18 -12.00
C PRO B 204 27.90 -8.05 -10.72
N GLU B 205 29.22 -8.02 -10.87
CA GLU B 205 30.08 -7.91 -9.70
C GLU B 205 29.73 -6.63 -8.95
N GLU B 206 29.76 -5.50 -9.67
CA GLU B 206 29.45 -4.20 -9.06
C GLU B 206 28.05 -4.17 -8.45
N GLU B 207 27.04 -4.65 -9.18
CA GLU B 207 25.68 -4.64 -8.68
C GLU B 207 25.59 -5.28 -7.31
N LYS B 208 26.20 -6.45 -7.18
CA LYS B 208 26.20 -7.17 -5.92
C LYS B 208 26.92 -6.33 -4.85
N GLY B 209 28.02 -5.70 -5.24
CA GLY B 209 28.77 -4.89 -4.29
C GLY B 209 27.93 -3.74 -3.73
N LEU B 210 27.06 -3.18 -4.56
CA LEU B 210 26.18 -2.09 -4.14
C LEU B 210 25.06 -2.68 -3.29
N GLN B 211 24.58 -3.85 -3.71
CA GLN B 211 23.51 -4.55 -3.01
C GLN B 211 23.91 -4.82 -1.58
N ASP B 212 25.07 -5.45 -1.41
CA ASP B 212 25.57 -5.77 -0.07
C ASP B 212 25.79 -4.50 0.73
N TYR B 213 26.42 -3.51 0.10
CA TYR B 213 26.69 -2.24 0.77
C TYR B 213 25.45 -1.70 1.47
N GLY B 214 24.31 -1.75 0.78
CA GLY B 214 23.09 -1.24 1.36
C GLY B 214 22.57 -2.11 2.48
N ARG B 215 22.53 -3.42 2.23
CA ARG B 215 22.05 -4.34 3.23
C ARG B 215 22.83 -4.16 4.53
N TYR B 216 24.16 -4.13 4.42
CA TYR B 216 25.00 -3.98 5.59
C TYR B 216 24.88 -2.61 6.23
N LEU B 217 24.84 -1.57 5.42
CA LEU B 217 24.72 -0.22 5.95
C LEU B 217 23.35 -0.07 6.61
N GLY B 218 22.31 -0.52 5.91
CA GLY B 218 20.97 -0.44 6.46
C GLY B 218 20.90 -1.17 7.79
N THR B 219 21.58 -2.32 7.89
CA THR B 219 21.57 -3.09 9.12
C THR B 219 22.27 -2.29 10.20
N ALA B 220 23.42 -1.71 9.88
CA ALA B 220 24.17 -0.92 10.87
C ALA B 220 23.29 0.23 11.32
N PHE B 221 22.72 0.93 10.33
CA PHE B 221 21.85 2.06 10.59
C PHE B 221 20.78 1.72 11.62
N GLN B 222 20.11 0.59 11.46
CA GLN B 222 19.05 0.25 12.41
C GLN B 222 19.58 -0.15 13.78
N LEU B 223 20.72 -0.85 13.81
CA LEU B 223 21.31 -1.22 15.10
C LEU B 223 21.65 0.05 15.87
N ILE B 224 22.27 1.01 15.20
CA ILE B 224 22.63 2.27 15.88
C ILE B 224 21.38 2.97 16.41
N ASP B 225 20.33 2.99 15.60
CA ASP B 225 19.09 3.62 15.96
C ASP B 225 18.49 2.96 17.20
N ASP B 226 18.51 1.63 17.24
CA ASP B 226 17.97 0.93 18.40
C ASP B 226 18.76 1.20 19.68
N LEU B 227 20.09 1.31 19.58
CA LEU B 227 20.85 1.58 20.78
C LEU B 227 20.68 3.05 21.19
N LEU B 228 20.49 3.92 20.22
CA LEU B 228 20.30 5.33 20.51
C LEU B 228 18.96 5.58 21.21
N ASP B 229 18.00 4.68 21.03
CA ASP B 229 16.69 4.84 21.66
C ASP B 229 16.80 4.76 23.19
N TYR B 230 17.93 4.24 23.66
CA TYR B 230 18.20 4.13 25.09
C TYR B 230 19.32 5.11 25.36
N ASN B 231 20.06 5.42 24.30
CA ASN B 231 21.19 6.34 24.32
C ASN B 231 22.22 6.00 25.38
N LYS B 239 12.42 10.68 19.52
CA LYS B 239 12.55 12.01 20.07
C LYS B 239 12.97 11.98 21.54
N ASN B 240 12.48 10.98 22.26
CA ASN B 240 12.82 10.81 23.68
C ASN B 240 13.25 9.36 23.88
N VAL B 241 14.33 9.16 24.62
CA VAL B 241 14.79 7.82 24.86
C VAL B 241 13.75 7.08 25.71
N GLY B 242 13.72 5.77 25.60
CA GLY B 242 12.77 4.99 26.37
C GLY B 242 11.46 4.68 25.65
N ASP B 243 11.31 5.15 24.42
CA ASP B 243 10.09 4.87 23.66
C ASP B 243 9.92 3.38 23.39
N ASP B 244 10.96 2.74 22.89
CA ASP B 244 10.88 1.33 22.58
C ASP B 244 10.57 0.51 23.82
N LEU B 245 11.25 0.82 24.93
CA LEU B 245 11.01 0.10 26.16
C LEU B 245 9.54 0.33 26.54
N ASN B 246 9.15 1.58 26.62
CA ASN B 246 7.79 1.92 26.99
C ASN B 246 6.72 1.21 26.16
N GLU B 247 7.01 0.97 24.88
CA GLU B 247 6.08 0.29 23.99
C GLU B 247 6.17 -1.22 24.07
N GLY B 248 7.07 -1.74 24.89
CA GLY B 248 7.19 -3.18 24.96
C GLY B 248 7.80 -3.73 23.68
N LYS B 249 8.46 -2.86 22.92
CA LYS B 249 9.09 -3.31 21.69
C LYS B 249 10.47 -3.87 22.04
N PRO B 250 10.67 -5.18 21.81
CA PRO B 250 11.95 -5.81 22.12
C PRO B 250 13.00 -5.62 21.03
N THR B 251 14.09 -4.95 21.36
CA THR B 251 15.19 -4.74 20.42
C THR B 251 16.47 -5.41 20.94
N LEU B 252 17.49 -5.54 20.08
CA LEU B 252 18.75 -6.21 20.45
C LEU B 252 19.33 -5.86 21.81
N PRO B 253 19.57 -4.58 22.10
CA PRO B 253 20.14 -4.25 23.41
C PRO B 253 19.30 -4.70 24.61
N LEU B 254 17.98 -4.55 24.51
CA LEU B 254 17.09 -4.96 25.60
C LEU B 254 17.11 -6.51 25.70
N LEU B 255 17.01 -7.18 24.56
CA LEU B 255 17.03 -8.63 24.56
C LEU B 255 18.36 -9.14 25.12
N HIS B 256 19.45 -8.45 24.80
CA HIS B 256 20.77 -8.84 25.26
C HIS B 256 20.89 -8.76 26.78
N ALA B 257 20.46 -7.64 27.36
CA ALA B 257 20.53 -7.49 28.79
C ALA B 257 19.66 -8.54 29.46
N MET B 258 18.55 -8.89 28.82
CA MET B 258 17.66 -9.90 29.40
C MET B 258 18.32 -11.28 29.43
N HIS B 259 19.07 -11.60 28.39
CA HIS B 259 19.71 -12.89 28.31
C HIS B 259 21.04 -12.96 29.07
N HIS B 260 21.63 -11.80 29.35
CA HIS B 260 22.92 -11.73 30.04
C HIS B 260 22.94 -11.05 31.39
N GLY B 261 21.83 -10.42 31.77
CA GLY B 261 21.80 -9.77 33.07
C GLY B 261 21.58 -10.77 34.20
N THR B 262 21.37 -10.28 35.41
CA THR B 262 21.13 -11.18 36.52
C THR B 262 19.65 -11.58 36.44
N PRO B 263 19.27 -12.69 37.09
CA PRO B 263 17.86 -13.11 37.03
C PRO B 263 16.91 -11.98 37.42
N GLU B 264 17.31 -11.15 38.38
CA GLU B 264 16.45 -10.05 38.80
C GLU B 264 16.28 -9.06 37.65
N GLN B 265 17.37 -8.80 36.94
CA GLN B 265 17.31 -7.88 35.82
C GLN B 265 16.50 -8.51 34.68
N ALA B 266 16.77 -9.77 34.37
CA ALA B 266 16.04 -10.47 33.32
C ALA B 266 14.54 -10.47 33.58
N GLN B 267 14.17 -10.64 34.84
CA GLN B 267 12.77 -10.65 35.22
C GLN B 267 12.15 -9.27 35.03
N MET B 268 12.83 -8.24 35.51
CA MET B 268 12.31 -6.87 35.36
C MET B 268 12.08 -6.54 33.90
N ILE B 269 13.06 -6.89 33.06
CA ILE B 269 12.98 -6.62 31.62
C ILE B 269 11.87 -7.44 30.97
N ARG B 270 11.78 -8.70 31.36
CA ARG B 270 10.73 -9.57 30.83
C ARG B 270 9.36 -8.96 31.10
N THR B 271 9.19 -8.44 32.31
CA THR B 271 7.94 -7.82 32.71
C THR B 271 7.70 -6.53 31.94
N ALA B 272 8.72 -5.69 31.86
CA ALA B 272 8.58 -4.43 31.14
C ALA B 272 8.06 -4.67 29.72
N ILE B 273 8.59 -5.70 29.07
CA ILE B 273 8.19 -6.02 27.69
C ILE B 273 6.76 -6.53 27.64
N GLU B 274 6.45 -7.49 28.51
CA GLU B 274 5.12 -8.08 28.56
C GLU B 274 4.00 -7.09 28.89
N GLN B 275 4.24 -6.17 29.81
CA GLN B 275 3.23 -5.19 30.19
C GLN B 275 3.30 -3.86 29.48
N GLY B 276 4.51 -3.46 29.09
CA GLY B 276 4.66 -2.18 28.42
C GLY B 276 4.53 -1.07 29.45
N ASN B 277 4.55 0.18 28.99
CA ASN B 277 4.44 1.35 29.85
C ASN B 277 5.53 1.39 30.94
N GLY B 278 6.66 0.73 30.69
CA GLY B 278 7.73 0.74 31.67
C GLY B 278 8.81 1.79 31.46
N ARG B 279 8.45 2.97 30.97
CA ARG B 279 9.44 4.03 30.73
C ARG B 279 10.17 4.40 32.02
N HIS B 280 9.46 4.37 33.14
CA HIS B 280 10.03 4.70 34.44
C HIS B 280 11.12 3.70 34.84
N LEU B 281 11.26 2.61 34.10
CA LEU B 281 12.26 1.58 34.39
C LEU B 281 13.56 1.75 33.59
N LEU B 282 13.62 2.82 32.80
CA LEU B 282 14.80 3.10 31.98
C LEU B 282 16.13 2.98 32.74
N GLU B 283 16.27 3.72 33.83
CA GLU B 283 17.52 3.68 34.61
C GLU B 283 17.89 2.26 35.07
N PRO B 284 16.98 1.58 35.77
CA PRO B 284 17.37 0.24 36.19
C PRO B 284 17.79 -0.61 34.99
N VAL B 285 17.09 -0.43 33.87
CA VAL B 285 17.39 -1.16 32.65
C VAL B 285 18.75 -0.74 32.12
N LEU B 286 19.05 0.56 32.20
CA LEU B 286 20.34 1.08 31.75
C LEU B 286 21.44 0.45 32.63
N GLU B 287 21.21 0.41 33.93
CA GLU B 287 22.18 -0.18 34.85
C GLU B 287 22.47 -1.60 34.35
N ALA B 288 21.42 -2.38 34.09
CA ALA B 288 21.60 -3.75 33.62
C ALA B 288 22.34 -3.86 32.28
N MET B 289 22.08 -2.91 31.39
CA MET B 289 22.78 -2.94 30.10
C MET B 289 24.27 -2.59 30.31
N ASN B 290 24.55 -1.52 31.05
CA ASN B 290 25.95 -1.13 31.30
C ASN B 290 26.70 -2.33 31.86
N ALA B 291 26.15 -2.92 32.94
CA ALA B 291 26.75 -4.06 33.61
C ALA B 291 27.16 -5.24 32.72
N CYS B 292 26.31 -5.67 31.78
CA CYS B 292 26.69 -6.80 30.94
C CYS B 292 27.21 -6.49 29.53
N GLY B 293 27.28 -5.21 29.18
CA GLY B 293 27.79 -4.82 27.87
C GLY B 293 26.82 -4.54 26.73
N SER B 294 25.53 -4.82 26.94
CA SER B 294 24.48 -4.61 25.92
C SER B 294 24.66 -3.46 24.91
N LEU B 295 24.73 -2.22 25.38
CA LEU B 295 24.88 -1.10 24.45
C LEU B 295 26.16 -1.17 23.62
N GLU B 296 27.31 -1.36 24.26
CA GLU B 296 28.55 -1.46 23.49
C GLU B 296 28.51 -2.70 22.62
N TRP B 297 27.90 -3.75 23.12
CA TRP B 297 27.81 -4.98 22.34
C TRP B 297 27.05 -4.72 21.05
N THR B 298 26.04 -3.87 21.13
CA THR B 298 25.24 -3.56 19.95
C THR B 298 26.04 -2.64 19.04
N ARG B 299 26.61 -1.57 19.60
CA ARG B 299 27.41 -0.66 18.82
C ARG B 299 28.47 -1.45 18.07
N GLN B 300 29.09 -2.39 18.78
CA GLN B 300 30.12 -3.24 18.21
C GLN B 300 29.55 -3.91 16.96
N ARG B 301 28.42 -4.60 17.12
CA ARG B 301 27.82 -5.28 15.99
C ARG B 301 27.48 -4.31 14.84
N ALA B 302 27.13 -3.07 15.17
CA ALA B 302 26.80 -2.07 14.16
C ALA B 302 28.04 -1.77 13.34
N GLU B 303 29.15 -1.53 14.05
CA GLU B 303 30.43 -1.23 13.42
C GLU B 303 30.84 -2.36 12.50
N GLU B 304 30.60 -3.59 12.90
CA GLU B 304 30.96 -4.73 12.06
C GLU B 304 30.16 -4.69 10.75
N GLU B 305 28.89 -4.28 10.85
CA GLU B 305 28.06 -4.22 9.65
C GLU B 305 28.57 -3.12 8.72
N ALA B 306 28.93 -1.98 9.31
CA ALA B 306 29.42 -0.86 8.53
C ALA B 306 30.71 -1.23 7.80
N ASP B 307 31.53 -2.11 8.39
CA ASP B 307 32.77 -2.51 7.75
C ASP B 307 32.52 -3.52 6.64
N LYS B 308 31.49 -4.35 6.80
CA LYS B 308 31.18 -5.30 5.74
C LYS B 308 30.62 -4.49 4.56
N ALA B 309 30.00 -3.36 4.88
CA ALA B 309 29.43 -2.49 3.85
C ALA B 309 30.54 -1.83 3.04
N ILE B 310 31.50 -1.24 3.74
CA ILE B 310 32.60 -0.57 3.08
C ILE B 310 33.47 -1.57 2.30
N ALA B 311 33.54 -2.80 2.79
CA ALA B 311 34.30 -3.84 2.12
C ALA B 311 33.61 -4.17 0.81
N ALA B 312 32.29 -4.30 0.86
CA ALA B 312 31.50 -4.62 -0.32
C ALA B 312 31.78 -3.64 -1.45
N LEU B 313 31.99 -2.37 -1.10
CA LEU B 313 32.24 -1.34 -2.10
C LEU B 313 33.65 -1.42 -2.72
N GLN B 314 34.53 -2.20 -2.13
CA GLN B 314 35.89 -2.30 -2.65
C GLN B 314 35.94 -2.75 -4.11
N VAL B 315 34.86 -3.36 -4.58
CA VAL B 315 34.80 -3.82 -5.97
C VAL B 315 34.53 -2.66 -6.94
N LEU B 316 34.19 -1.49 -6.41
CA LEU B 316 33.90 -0.35 -7.26
C LEU B 316 35.13 0.53 -7.52
N PRO B 317 35.17 1.18 -8.68
CA PRO B 317 36.31 2.04 -8.99
C PRO B 317 36.42 3.13 -7.95
N ASP B 318 37.63 3.32 -7.44
CA ASP B 318 37.88 4.34 -6.43
C ASP B 318 37.64 5.72 -7.03
N THR B 319 36.60 6.38 -6.54
CA THR B 319 36.23 7.71 -7.00
C THR B 319 35.63 8.50 -5.84
N PRO B 320 35.43 9.81 -6.02
CA PRO B 320 34.85 10.63 -4.95
C PRO B 320 33.48 10.10 -4.56
N TRP B 321 32.72 9.63 -5.55
CA TRP B 321 31.39 9.08 -5.28
C TRP B 321 31.52 7.89 -4.36
N ARG B 322 32.45 6.98 -4.65
CA ARG B 322 32.63 5.82 -3.80
C ARG B 322 33.11 6.27 -2.43
N GLU B 323 33.90 7.34 -2.40
CA GLU B 323 34.38 7.86 -1.12
C GLU B 323 33.20 8.32 -0.29
N ALA B 324 32.23 8.97 -0.93
CA ALA B 324 31.06 9.47 -0.23
C ALA B 324 30.26 8.31 0.38
N LEU B 325 30.08 7.23 -0.39
CA LEU B 325 29.35 6.07 0.10
C LEU B 325 30.03 5.50 1.33
N ILE B 326 31.37 5.53 1.31
CA ILE B 326 32.16 5.03 2.44
C ILE B 326 32.00 5.99 3.62
N GLY B 327 32.04 7.28 3.33
CA GLY B 327 31.87 8.28 4.36
C GLY B 327 30.54 8.17 5.09
N LEU B 328 29.50 7.73 4.38
CA LEU B 328 28.19 7.58 5.00
C LEU B 328 28.21 6.35 5.91
N ALA B 329 28.93 5.32 5.50
CA ALA B 329 29.01 4.13 6.33
C ALA B 329 29.58 4.50 7.70
N HIS B 330 30.69 5.25 7.68
CA HIS B 330 31.35 5.69 8.91
C HIS B 330 30.46 6.60 9.74
N ILE B 331 29.84 7.58 9.11
CA ILE B 331 28.97 8.50 9.83
C ILE B 331 27.82 7.77 10.53
N ALA B 332 27.27 6.78 9.84
CA ALA B 332 26.16 6.00 10.36
C ALA B 332 26.47 5.39 11.73
N VAL B 333 27.64 4.77 11.86
CA VAL B 333 28.02 4.12 13.11
C VAL B 333 29.01 4.94 13.93
N GLN B 334 28.94 6.26 13.87
CA GLN B 334 29.92 7.01 14.63
C GLN B 334 29.52 7.74 15.89
N ARG B 335 30.49 7.80 16.80
CA ARG B 335 30.42 8.44 18.10
C ARG B 335 31.62 7.97 18.90
#